data_6J21
#
_entry.id   6J21
#
_cell.length_a   103.110
_cell.length_b   103.110
_cell.length_c   158.160
_cell.angle_alpha   90.00
_cell.angle_beta   90.00
_cell.angle_gamma   90.00
#
_symmetry.space_group_name_H-M   'P 42 21 2'
#
loop_
_entity.id
_entity.type
_entity.pdbx_description
1 polymer 'Substance-P receptor,Endolysin'
2 non-polymer 5-[[(2~{R},3~{S})-2-[(1~{R})-1-[3,5-bis(trifluoromethyl)phenyl]ethoxy]-3-(4-fluorophenyl)morpholin-4-yl]methyl]-1,2-dihydro-1,2,4-triazol-3-one
3 non-polymer '(2R)-2,3-dihydroxypropyl (9Z)-octadec-9-enoate'
#
_entity_poly.entity_id   1
_entity_poly.type   'polypeptide(L)'
_entity_poly.pdbx_seq_one_letter_code
;DNVLPVDSDLSPNISTNTSEPNQFVQPAWQIVLWAAAYTVIVVTSVVGNVVVMWIILAHKRMRTVTNYFLVNLAFADASM
AAFNTVVNFTYAVHNEWYYGLFYCKFHNFFPIAAVFASIWSMTAVAFDRYMAIIHPLQPRLSATATKVVICVIWVLALLL
AFPAGYYSTTETMPSRVVCMIEWPEHPNKIYEKVYHICVTVLIYFLPLLVIGYAYTVVGIRLWASNIFEMLRIDEGGGSG
GDEAEKLFNQDVDAAVRGILRNAKLKPVYDSLDAVRRAALINMVFQMGETGVAGFTNSLRMLQQKRWDEAAVNLAKSRWY
NQTPNRAKRVITTFRTGTWDAYHEQVSAKRKVVKMMIVVVCTFAICWLPFHIFFLLPYINPDLYLKKFIQQVYLAIMWLA
MSSTMYNPIIYCCLNDRFRLGFKHAFRCCPFISAGDYEGLE
;
_entity_poly.pdbx_strand_id   A
#
# COMPACT_ATOMS: atom_id res chain seq x y z
N PHE A 24 14.65 -31.19 16.60
CA PHE A 24 15.91 -31.87 16.87
C PHE A 24 16.98 -31.65 15.77
N VAL A 25 16.58 -31.04 14.63
CA VAL A 25 17.46 -30.74 13.50
C VAL A 25 18.39 -29.56 13.89
N GLN A 26 19.70 -29.85 14.07
CA GLN A 26 20.70 -28.84 14.48
C GLN A 26 22.03 -28.88 13.65
N PRO A 27 22.00 -28.74 12.29
CA PRO A 27 23.26 -28.81 11.52
C PRO A 27 24.02 -27.49 11.37
N ALA A 28 25.36 -27.57 11.35
CA ALA A 28 26.25 -26.41 11.19
C ALA A 28 26.13 -25.80 9.79
N TRP A 29 25.92 -26.64 8.75
CA TRP A 29 25.75 -26.24 7.35
C TRP A 29 24.57 -25.30 7.19
N GLN A 30 23.55 -25.46 8.06
CA GLN A 30 22.34 -24.64 8.08
C GLN A 30 22.53 -23.32 8.84
N ILE A 31 23.18 -23.36 10.04
CA ILE A 31 23.43 -22.19 10.89
C ILE A 31 24.21 -21.07 10.18
N VAL A 32 25.30 -21.44 9.46
CA VAL A 32 26.14 -20.51 8.70
C VAL A 32 25.39 -19.90 7.52
N LEU A 33 24.51 -20.70 6.89
CA LEU A 33 23.67 -20.32 5.77
C LEU A 33 22.57 -19.32 6.20
N TRP A 34 22.00 -19.49 7.42
CA TRP A 34 20.97 -18.62 7.97
C TRP A 34 21.54 -17.24 8.35
N ALA A 35 22.72 -17.22 9.02
CA ALA A 35 23.44 -16.01 9.46
C ALA A 35 23.79 -15.11 8.27
N ALA A 36 24.06 -15.73 7.10
CA ALA A 36 24.36 -15.05 5.84
C ALA A 36 23.09 -14.40 5.30
N ALA A 37 21.95 -15.13 5.33
CA ALA A 37 20.64 -14.64 4.88
C ALA A 37 20.17 -13.52 5.80
N TYR A 38 20.51 -13.62 7.09
CA TYR A 38 20.15 -12.64 8.12
C TYR A 38 21.00 -11.39 8.04
N THR A 39 22.31 -11.51 7.74
CA THR A 39 23.18 -10.32 7.63
C THR A 39 22.84 -9.51 6.37
N VAL A 40 22.28 -10.19 5.34
CA VAL A 40 21.80 -9.58 4.08
C VAL A 40 20.81 -8.49 4.45
N ILE A 41 19.88 -8.80 5.40
CA ILE A 41 18.86 -7.87 5.91
C ILE A 41 19.52 -6.61 6.49
N VAL A 42 20.46 -6.79 7.44
CA VAL A 42 21.15 -5.69 8.13
C VAL A 42 21.84 -4.72 7.16
N VAL A 43 22.61 -5.25 6.18
CA VAL A 43 23.35 -4.47 5.20
C VAL A 43 22.43 -3.66 4.24
N THR A 44 21.47 -4.34 3.58
CA THR A 44 20.54 -3.72 2.62
C THR A 44 19.58 -2.71 3.29
N SER A 45 19.23 -2.92 4.58
CA SER A 45 18.34 -2.01 5.31
C SER A 45 19.04 -0.73 5.80
N VAL A 46 20.31 -0.83 6.21
CA VAL A 46 21.04 0.36 6.68
C VAL A 46 21.45 1.24 5.48
N VAL A 47 22.10 0.63 4.46
CA VAL A 47 22.54 1.34 3.25
C VAL A 47 21.36 2.06 2.58
N GLY A 48 20.38 1.28 2.12
CA GLY A 48 19.18 1.75 1.43
C GLY A 48 18.42 2.86 2.12
N ASN A 49 18.02 2.64 3.38
CA ASN A 49 17.26 3.64 4.15
C ASN A 49 18.03 4.91 4.50
N VAL A 50 19.38 4.84 4.63
CA VAL A 50 20.19 6.02 4.92
C VAL A 50 20.26 6.89 3.64
N VAL A 51 20.39 6.23 2.47
CA VAL A 51 20.41 6.91 1.16
C VAL A 51 19.05 7.60 0.94
N VAL A 52 17.94 6.90 1.27
CA VAL A 52 16.57 7.46 1.18
C VAL A 52 16.46 8.68 2.12
N MET A 53 16.93 8.54 3.38
CA MET A 53 16.93 9.62 4.37
C MET A 53 17.69 10.84 3.84
N TRP A 54 18.86 10.57 3.22
CA TRP A 54 19.74 11.57 2.62
C TRP A 54 19.06 12.31 1.46
N ILE A 55 18.56 11.58 0.43
CA ILE A 55 17.85 12.12 -0.75
C ILE A 55 16.84 13.22 -0.36
N ILE A 56 15.93 12.93 0.59
CA ILE A 56 14.88 13.86 1.05
C ILE A 56 15.43 14.99 1.96
N LEU A 57 16.02 14.66 3.14
CA LEU A 57 16.52 15.62 4.14
C LEU A 57 17.46 16.73 3.60
N ALA A 58 18.28 16.42 2.58
CA ALA A 58 19.20 17.34 1.91
C ALA A 58 19.58 16.70 0.56
N HIS A 59 19.32 17.31 -0.61
CA HIS A 59 18.90 18.66 -1.06
C HIS A 59 17.83 19.42 -0.24
N LYS A 60 16.68 18.80 0.12
CA LYS A 60 15.56 19.45 0.81
C LYS A 60 14.80 20.42 -0.14
N ARG A 61 15.01 20.21 -1.45
CA ARG A 61 14.33 20.89 -2.57
C ARG A 61 13.23 19.89 -3.00
N MET A 62 13.21 18.73 -2.29
CA MET A 62 12.31 17.58 -2.40
C MET A 62 11.63 17.32 -1.05
N ARG A 63 11.83 18.22 -0.07
CA ARG A 63 11.25 18.11 1.27
C ARG A 63 9.73 18.43 1.28
N THR A 64 8.89 17.40 0.97
CA THR A 64 7.41 17.49 0.95
C THR A 64 6.80 16.79 2.19
N VAL A 65 5.50 17.01 2.45
CA VAL A 65 4.80 16.41 3.59
C VAL A 65 4.81 14.88 3.50
N THR A 66 4.62 14.32 2.29
CA THR A 66 4.65 12.86 2.07
C THR A 66 6.07 12.31 2.31
N ASN A 67 7.10 12.98 1.76
CA ASN A 67 8.50 12.55 1.91
C ASN A 67 9.06 12.74 3.33
N TYR A 68 8.66 13.81 4.06
CA TYR A 68 9.09 14.07 5.44
C TYR A 68 8.62 12.93 6.36
N PHE A 69 7.44 12.33 6.08
CA PHE A 69 6.92 11.16 6.81
C PHE A 69 7.72 9.93 6.44
N LEU A 70 8.03 9.76 5.12
CA LEU A 70 8.84 8.66 4.60
C LEU A 70 10.21 8.60 5.26
N VAL A 71 10.79 9.78 5.65
CA VAL A 71 12.07 9.91 6.35
C VAL A 71 11.96 9.28 7.73
N ASN A 72 10.80 9.50 8.42
CA ASN A 72 10.54 8.93 9.75
C ASN A 72 10.47 7.40 9.69
N LEU A 73 9.84 6.87 8.62
CA LEU A 73 9.70 5.47 8.30
C LEU A 73 11.07 4.87 7.92
N ALA A 74 11.94 5.64 7.25
CA ALA A 74 13.29 5.21 6.86
C ALA A 74 14.17 5.08 8.10
N PHE A 75 14.01 6.00 9.08
CA PHE A 75 14.74 5.99 10.33
C PHE A 75 14.36 4.74 11.13
N ALA A 76 13.05 4.58 11.42
CA ALA A 76 12.46 3.46 12.16
C ALA A 76 12.93 2.11 11.61
N ASP A 77 12.93 1.96 10.26
CA ASP A 77 13.37 0.76 9.55
C ASP A 77 14.85 0.50 9.80
N ALA A 78 15.75 1.40 9.37
CA ALA A 78 17.20 1.25 9.57
C ALA A 78 17.60 1.02 11.06
N SER A 79 16.83 1.59 12.00
CA SER A 79 17.00 1.51 13.44
C SER A 79 16.76 0.08 13.99
N MET A 80 15.58 -0.52 13.69
CA MET A 80 15.20 -1.88 14.11
C MET A 80 16.20 -2.91 13.60
N ALA A 81 16.65 -2.76 12.34
CA ALA A 81 17.62 -3.65 11.69
C ALA A 81 18.99 -3.66 12.39
N ALA A 82 19.50 -2.47 12.77
CA ALA A 82 20.78 -2.35 13.43
C ALA A 82 20.77 -3.04 14.81
N PHE A 83 19.82 -2.64 15.68
CA PHE A 83 19.68 -3.13 17.05
C PHE A 83 19.23 -4.60 17.22
N ASN A 84 18.07 -4.96 16.64
CA ASN A 84 17.43 -6.26 16.86
C ASN A 84 17.89 -7.47 16.01
N THR A 85 18.21 -7.32 14.71
CA THR A 85 18.59 -8.48 13.86
C THR A 85 19.69 -9.36 14.44
N VAL A 86 20.74 -8.73 14.99
CA VAL A 86 21.90 -9.44 15.55
C VAL A 86 21.48 -10.26 16.78
N VAL A 87 21.01 -9.57 17.84
CA VAL A 87 20.54 -10.11 19.10
C VAL A 87 19.43 -11.18 18.93
N ASN A 88 18.39 -10.92 18.10
CA ASN A 88 17.28 -11.86 17.89
C ASN A 88 17.71 -13.13 17.16
N PHE A 89 18.74 -13.04 16.30
CA PHE A 89 19.21 -14.22 15.59
C PHE A 89 20.02 -15.13 16.50
N THR A 90 20.97 -14.56 17.29
CA THR A 90 21.86 -15.28 18.22
C THR A 90 21.07 -16.13 19.21
N TYR A 91 20.07 -15.52 19.88
CA TYR A 91 19.20 -16.16 20.86
C TYR A 91 18.43 -17.34 20.28
N ALA A 92 17.92 -17.20 19.05
CA ALA A 92 17.18 -18.24 18.32
C ALA A 92 18.08 -19.46 18.05
N VAL A 93 19.28 -19.21 17.51
CA VAL A 93 20.25 -20.25 17.16
C VAL A 93 20.82 -20.99 18.36
N HIS A 94 21.33 -20.23 19.36
CA HIS A 94 22.04 -20.74 20.54
C HIS A 94 21.21 -21.06 21.81
N ASN A 95 20.02 -20.44 21.99
CA ASN A 95 19.13 -20.60 23.16
C ASN A 95 19.85 -20.23 24.49
N GLU A 96 20.58 -19.11 24.44
CA GLU A 96 21.30 -18.52 25.54
C GLU A 96 21.40 -17.01 25.31
N TRP A 97 21.08 -16.23 26.34
CA TRP A 97 21.17 -14.77 26.30
C TRP A 97 22.57 -14.33 26.74
N TYR A 98 23.26 -13.57 25.86
CA TYR A 98 24.64 -13.14 26.09
C TYR A 98 24.82 -11.68 26.46
N TYR A 99 23.77 -10.87 26.37
CA TYR A 99 23.86 -9.42 26.45
C TYR A 99 23.32 -8.74 27.75
N GLY A 100 23.07 -9.51 28.80
CA GLY A 100 22.63 -8.98 30.08
C GLY A 100 21.22 -8.41 30.15
N LEU A 101 20.73 -8.15 31.40
CA LEU A 101 19.40 -7.65 31.74
C LEU A 101 19.00 -6.34 31.02
N PHE A 102 19.95 -5.39 30.77
CA PHE A 102 19.59 -4.16 30.08
C PHE A 102 19.16 -4.45 28.64
N TYR A 103 20.05 -5.10 27.85
CA TYR A 103 19.74 -5.41 26.46
C TYR A 103 18.64 -6.47 26.33
N CYS A 104 18.32 -7.17 27.44
CA CYS A 104 17.22 -8.13 27.50
C CYS A 104 15.94 -7.27 27.43
N LYS A 105 15.84 -6.30 28.34
CA LYS A 105 14.73 -5.34 28.40
C LYS A 105 14.59 -4.54 27.11
N PHE A 106 15.71 -4.03 26.55
CA PHE A 106 15.72 -3.21 25.33
C PHE A 106 15.32 -3.96 24.05
N HIS A 107 15.76 -5.21 23.86
CA HIS A 107 15.44 -6.01 22.66
C HIS A 107 13.95 -6.43 22.59
N ASN A 108 13.23 -6.30 23.72
CA ASN A 108 11.80 -6.61 23.82
C ASN A 108 10.98 -5.31 23.80
N PHE A 109 11.64 -4.17 24.00
CA PHE A 109 10.98 -2.87 24.02
C PHE A 109 10.97 -2.26 22.63
N PHE A 110 12.17 -1.98 22.05
CA PHE A 110 12.34 -1.31 20.76
C PHE A 110 11.55 -1.91 19.56
N PRO A 111 11.47 -3.26 19.29
CA PRO A 111 10.69 -3.72 18.12
C PRO A 111 9.24 -3.23 18.07
N ILE A 112 8.54 -3.17 19.24
CA ILE A 112 7.16 -2.69 19.33
C ILE A 112 7.09 -1.20 19.01
N ALA A 113 8.07 -0.41 19.50
CA ALA A 113 8.14 1.02 19.24
C ALA A 113 8.44 1.32 17.75
N ALA A 114 9.34 0.53 17.13
CA ALA A 114 9.75 0.68 15.74
C ALA A 114 8.68 0.29 14.75
N VAL A 115 7.91 -0.79 15.04
CA VAL A 115 6.84 -1.23 14.15
C VAL A 115 5.66 -0.25 14.21
N PHE A 116 5.32 0.27 15.41
CA PHE A 116 4.24 1.24 15.59
C PHE A 116 4.51 2.51 14.78
N ALA A 117 5.71 3.09 14.95
CA ALA A 117 6.13 4.31 14.28
C ALA A 117 6.15 4.16 12.76
N SER A 118 6.52 2.97 12.23
CA SER A 118 6.55 2.69 10.80
C SER A 118 5.14 2.63 10.18
N ILE A 119 4.25 1.79 10.76
CA ILE A 119 2.89 1.59 10.24
C ILE A 119 2.06 2.88 10.36
N TRP A 120 2.26 3.67 11.43
CA TRP A 120 1.51 4.91 11.58
C TRP A 120 2.11 6.05 10.77
N SER A 121 3.36 5.91 10.29
CA SER A 121 3.94 6.91 9.40
C SER A 121 3.36 6.65 8.00
N MET A 122 3.10 5.36 7.69
CA MET A 122 2.50 4.95 6.43
C MET A 122 1.07 5.51 6.35
N THR A 123 0.32 5.43 7.48
CA THR A 123 -1.06 5.93 7.62
C THR A 123 -1.08 7.44 7.41
N ALA A 124 -0.03 8.13 7.89
CA ALA A 124 0.11 9.58 7.78
C ALA A 124 0.24 10.02 6.33
N VAL A 125 0.95 9.23 5.52
CA VAL A 125 1.10 9.49 4.09
C VAL A 125 -0.24 9.27 3.40
N ALA A 126 -0.98 8.21 3.82
CA ALA A 126 -2.30 7.87 3.29
C ALA A 126 -3.32 8.97 3.61
N PHE A 127 -3.30 9.49 4.85
CA PHE A 127 -4.20 10.58 5.23
C PHE A 127 -3.91 11.82 4.35
N ASP A 128 -2.61 12.19 4.18
CA ASP A 128 -2.17 13.33 3.39
C ASP A 128 -2.62 13.30 1.93
N ARG A 129 -2.56 12.11 1.29
CA ARG A 129 -2.97 11.93 -0.10
C ARG A 129 -4.46 12.03 -0.21
N TYR A 130 -5.21 11.44 0.75
CA TYR A 130 -6.67 11.49 0.83
C TYR A 130 -7.16 12.94 0.93
N MET A 131 -6.57 13.71 1.86
CA MET A 131 -6.90 15.12 2.09
C MET A 131 -6.56 16.03 0.92
N ALA A 132 -5.71 15.56 0.00
CA ALA A 132 -5.30 16.36 -1.14
C ALA A 132 -6.13 16.01 -2.36
N ILE A 133 -6.41 14.71 -2.56
CA ILE A 133 -7.18 14.20 -3.70
C ILE A 133 -8.67 14.43 -3.48
N ILE A 134 -9.17 14.10 -2.26
CA ILE A 134 -10.59 14.13 -1.91
C ILE A 134 -11.04 15.52 -1.37
N HIS A 135 -10.26 16.17 -0.48
CA HIS A 135 -10.65 17.50 0.08
C HIS A 135 -9.60 18.60 -0.16
N PRO A 136 -9.50 19.14 -1.43
CA PRO A 136 -8.45 20.13 -1.72
C PRO A 136 -8.69 21.54 -1.21
N LEU A 137 -9.96 21.90 -0.94
CA LEU A 137 -10.34 23.22 -0.43
C LEU A 137 -9.88 23.40 1.02
N GLN A 138 -9.90 22.30 1.82
CA GLN A 138 -9.41 22.38 3.20
C GLN A 138 -7.96 21.88 3.28
N PRO A 139 -6.97 22.77 3.53
CA PRO A 139 -5.58 22.32 3.59
C PRO A 139 -5.14 21.92 5.00
N ARG A 140 -4.77 20.64 5.18
CA ARG A 140 -4.29 20.11 6.47
C ARG A 140 -2.76 19.83 6.42
N LEU A 141 -2.09 20.41 5.41
CA LEU A 141 -0.66 20.29 5.20
C LEU A 141 0.04 21.51 5.80
N SER A 142 0.91 21.26 6.78
CA SER A 142 1.69 22.30 7.46
C SER A 142 3.07 21.77 7.81
N ALA A 143 4.11 22.58 7.58
CA ALA A 143 5.51 22.21 7.84
C ALA A 143 5.75 21.96 9.32
N THR A 144 5.37 22.92 10.19
CA THR A 144 5.51 22.83 11.63
C THR A 144 4.73 21.64 12.20
N ALA A 145 3.49 21.41 11.72
CA ALA A 145 2.63 20.31 12.19
C ALA A 145 3.17 18.90 11.92
N THR A 146 3.85 18.70 10.76
CA THR A 146 4.44 17.40 10.36
C THR A 146 5.39 16.90 11.46
N LYS A 147 6.21 17.82 11.99
CA LYS A 147 7.16 17.56 13.07
C LYS A 147 6.43 17.20 14.37
N VAL A 148 5.25 17.81 14.63
CA VAL A 148 4.42 17.53 15.81
C VAL A 148 3.78 16.12 15.68
N VAL A 149 3.37 15.74 14.45
CA VAL A 149 2.78 14.43 14.17
C VAL A 149 3.83 13.35 14.41
N ILE A 150 5.03 13.49 13.80
CA ILE A 150 6.17 12.59 13.97
C ILE A 150 6.55 12.50 15.47
N CYS A 151 6.44 13.63 16.20
CA CYS A 151 6.69 13.72 17.65
C CYS A 151 5.68 12.90 18.45
N VAL A 152 4.37 13.05 18.14
CA VAL A 152 3.28 12.32 18.82
C VAL A 152 3.40 10.82 18.53
N ILE A 153 3.64 10.44 17.23
CA ILE A 153 3.84 9.07 16.75
C ILE A 153 4.83 8.32 17.67
N TRP A 154 5.99 8.95 17.94
CA TRP A 154 7.06 8.39 18.76
C TRP A 154 6.76 8.33 20.25
N VAL A 155 6.02 9.32 20.79
CA VAL A 155 5.62 9.37 22.20
C VAL A 155 4.70 8.17 22.46
N LEU A 156 3.66 8.02 21.62
CA LEU A 156 2.70 6.93 21.68
C LEU A 156 3.38 5.56 21.49
N ALA A 157 4.35 5.48 20.54
CA ALA A 157 5.11 4.25 20.23
C ALA A 157 5.91 3.73 21.43
N LEU A 158 6.67 4.63 22.11
CA LEU A 158 7.51 4.28 23.28
C LEU A 158 6.68 3.95 24.52
N LEU A 159 5.46 4.51 24.61
CA LEU A 159 4.52 4.25 25.70
C LEU A 159 3.94 2.82 25.62
N LEU A 160 3.48 2.40 24.43
CA LEU A 160 2.90 1.09 24.14
C LEU A 160 3.93 -0.03 24.28
N ALA A 161 5.20 0.27 23.95
CA ALA A 161 6.29 -0.68 24.02
C ALA A 161 6.82 -0.85 25.44
N PHE A 162 6.55 0.13 26.34
CA PHE A 162 7.03 0.17 27.72
C PHE A 162 6.70 -1.09 28.55
N PRO A 163 5.43 -1.58 28.70
CA PRO A 163 5.20 -2.77 29.55
C PRO A 163 6.03 -4.01 29.17
N ALA A 164 6.22 -4.27 27.84
CA ALA A 164 7.03 -5.39 27.33
C ALA A 164 8.50 -5.27 27.72
N GLY A 165 8.99 -4.05 27.85
CA GLY A 165 10.35 -3.74 28.28
C GLY A 165 10.50 -3.87 29.79
N TYR A 166 9.49 -3.34 30.53
CA TYR A 166 9.40 -3.34 31.99
C TYR A 166 9.52 -4.71 32.63
N TYR A 167 8.78 -5.73 32.11
CA TYR A 167 8.72 -7.09 32.66
C TYR A 167 9.79 -8.08 32.14
N SER A 168 10.64 -7.66 31.18
CA SER A 168 11.71 -8.50 30.66
C SER A 168 12.79 -8.63 31.73
N THR A 169 13.29 -9.85 31.98
CA THR A 169 14.35 -10.11 32.97
C THR A 169 15.21 -11.35 32.61
N THR A 170 16.42 -11.43 33.16
CA THR A 170 17.32 -12.55 32.89
C THR A 170 17.39 -13.49 34.09
N GLU A 171 17.04 -14.77 33.88
CA GLU A 171 17.10 -15.81 34.91
C GLU A 171 18.42 -16.54 34.81
N THR A 172 19.20 -16.52 35.90
CA THR A 172 20.51 -17.17 35.93
C THR A 172 20.38 -18.63 36.35
N MET A 173 20.93 -19.54 35.52
CA MET A 173 20.89 -20.99 35.73
C MET A 173 22.29 -21.61 35.68
N PRO A 174 22.48 -22.91 36.06
CA PRO A 174 23.83 -23.49 36.07
C PRO A 174 24.57 -23.52 34.72
N SER A 175 23.89 -23.95 33.65
CA SER A 175 24.48 -24.06 32.32
C SER A 175 24.43 -22.77 31.47
N ARG A 176 23.44 -21.87 31.71
CA ARG A 176 23.24 -20.67 30.88
C ARG A 176 22.44 -19.53 31.54
N VAL A 177 22.37 -18.38 30.83
CA VAL A 177 21.62 -17.17 31.19
C VAL A 177 20.45 -17.06 30.19
N VAL A 178 19.21 -16.90 30.71
CA VAL A 178 17.98 -16.87 29.90
C VAL A 178 17.23 -15.54 30.02
N CYS A 179 16.85 -14.94 28.89
CA CYS A 179 16.08 -13.69 28.82
C CYS A 179 14.59 -14.00 28.53
N MET A 180 13.70 -13.80 29.53
CA MET A 180 12.26 -14.02 29.42
C MET A 180 11.44 -12.92 30.12
N ILE A 181 10.24 -12.65 29.61
CA ILE A 181 9.36 -11.60 30.14
C ILE A 181 8.29 -12.23 31.07
N GLU A 182 8.31 -11.80 32.33
CA GLU A 182 7.41 -12.29 33.38
C GLU A 182 6.59 -11.18 34.06
N TRP A 183 5.27 -11.21 33.80
CA TRP A 183 4.27 -10.28 34.33
C TRP A 183 3.84 -10.71 35.75
N PRO A 184 3.27 -9.82 36.60
CA PRO A 184 2.87 -10.24 37.96
C PRO A 184 1.90 -11.43 37.99
N GLU A 185 2.00 -12.27 39.04
CA GLU A 185 1.18 -13.46 39.20
C GLU A 185 -0.30 -13.14 39.52
N HIS A 186 -1.12 -13.08 38.45
CA HIS A 186 -2.56 -12.81 38.54
C HIS A 186 -3.35 -14.14 38.50
N PRO A 187 -4.63 -14.19 38.98
CA PRO A 187 -5.37 -15.48 38.98
C PRO A 187 -5.47 -16.23 37.64
N ASN A 188 -5.41 -15.50 36.51
CA ASN A 188 -5.48 -16.07 35.17
C ASN A 188 -4.49 -15.38 34.21
N LYS A 189 -3.77 -14.33 34.73
CA LYS A 189 -2.79 -13.50 33.99
C LYS A 189 -3.39 -12.97 32.68
N ILE A 190 -4.57 -12.33 32.79
CA ILE A 190 -5.34 -11.78 31.67
C ILE A 190 -4.69 -10.55 31.05
N TYR A 191 -4.01 -9.72 31.87
CA TYR A 191 -3.34 -8.48 31.44
C TYR A 191 -2.26 -8.70 30.37
N GLU A 192 -1.40 -9.72 30.54
CA GLU A 192 -0.35 -10.07 29.57
C GLU A 192 -0.97 -10.40 28.20
N LYS A 193 -2.07 -11.17 28.20
CA LYS A 193 -2.82 -11.59 27.00
C LYS A 193 -3.53 -10.41 26.31
N VAL A 194 -4.21 -9.56 27.11
CA VAL A 194 -4.92 -8.36 26.63
C VAL A 194 -3.93 -7.40 25.95
N TYR A 195 -2.82 -7.08 26.64
CA TYR A 195 -1.73 -6.24 26.13
C TYR A 195 -1.20 -6.80 24.81
N HIS A 196 -0.89 -8.13 24.77
CA HIS A 196 -0.40 -8.79 23.55
C HIS A 196 -1.38 -8.58 22.39
N ILE A 197 -2.68 -8.75 22.66
CA ILE A 197 -3.77 -8.61 21.69
C ILE A 197 -3.90 -7.14 21.20
N CYS A 198 -3.85 -6.17 22.12
CA CYS A 198 -3.92 -4.75 21.82
C CYS A 198 -2.80 -4.28 20.91
N VAL A 199 -1.55 -4.69 21.25
CA VAL A 199 -0.34 -4.37 20.49
C VAL A 199 -0.54 -4.87 19.06
N THR A 200 -0.99 -6.15 18.90
CA THR A 200 -1.29 -6.79 17.61
C THR A 200 -2.32 -5.95 16.80
N VAL A 201 -3.27 -5.27 17.48
CA VAL A 201 -4.27 -4.45 16.81
C VAL A 201 -3.68 -3.12 16.35
N LEU A 202 -3.05 -2.36 17.27
CA LEU A 202 -2.46 -1.04 16.97
C LEU A 202 -1.29 -1.07 16.00
N ILE A 203 -0.56 -2.19 15.94
CA ILE A 203 0.61 -2.37 15.08
C ILE A 203 0.27 -3.04 13.74
N TYR A 204 -0.92 -3.65 13.61
CA TYR A 204 -1.23 -4.36 12.37
C TYR A 204 -2.64 -4.16 11.83
N PHE A 205 -3.67 -4.76 12.47
CA PHE A 205 -5.05 -4.76 11.98
C PHE A 205 -5.69 -3.37 11.86
N LEU A 206 -5.69 -2.56 12.95
CA LEU A 206 -6.31 -1.23 12.94
C LEU A 206 -5.72 -0.29 11.85
N PRO A 207 -4.39 0.05 11.81
CA PRO A 207 -3.90 0.94 10.76
C PRO A 207 -4.02 0.41 9.34
N LEU A 208 -3.87 -0.93 9.12
CA LEU A 208 -4.01 -1.52 7.77
C LEU A 208 -5.44 -1.36 7.23
N LEU A 209 -6.43 -1.37 8.14
CA LEU A 209 -7.82 -1.15 7.78
C LEU A 209 -7.99 0.30 7.31
N VAL A 210 -7.46 1.28 8.08
CA VAL A 210 -7.49 2.72 7.82
C VAL A 210 -6.80 3.06 6.50
N ILE A 211 -5.55 2.55 6.30
CA ILE A 211 -4.77 2.74 5.06
C ILE A 211 -5.54 2.13 3.88
N GLY A 212 -6.13 0.95 4.10
CA GLY A 212 -6.94 0.27 3.11
C GLY A 212 -8.07 1.13 2.60
N TYR A 213 -8.83 1.78 3.53
CA TYR A 213 -9.95 2.68 3.24
C TYR A 213 -9.55 3.91 2.41
N ALA A 214 -8.49 4.64 2.83
CA ALA A 214 -8.08 5.87 2.16
C ALA A 214 -7.68 5.61 0.72
N TYR A 215 -6.70 4.70 0.49
CA TYR A 215 -6.21 4.37 -0.85
C TYR A 215 -7.26 3.72 -1.74
N THR A 216 -8.34 3.12 -1.19
CA THR A 216 -9.37 2.60 -2.08
C THR A 216 -10.22 3.80 -2.63
N VAL A 217 -10.65 4.72 -1.76
CA VAL A 217 -11.41 5.93 -2.13
C VAL A 217 -10.59 6.79 -3.12
N VAL A 218 -9.31 7.00 -2.82
CA VAL A 218 -8.36 7.76 -3.62
C VAL A 218 -8.03 7.00 -4.94
N GLY A 219 -8.05 5.67 -4.88
CA GLY A 219 -7.80 4.84 -6.05
C GLY A 219 -8.90 4.96 -7.09
N ILE A 220 -10.15 4.99 -6.59
CA ILE A 220 -11.37 5.14 -7.37
C ILE A 220 -11.41 6.55 -8.01
N ARG A 221 -11.04 7.59 -7.25
CA ARG A 221 -11.03 8.95 -7.76
C ARG A 221 -10.01 9.19 -8.87
N LEU A 222 -8.78 8.64 -8.74
CA LEU A 222 -7.68 8.84 -9.70
C LEU A 222 -7.75 8.02 -10.97
N TRP A 223 -8.36 6.85 -10.90
CA TRP A 223 -8.41 5.94 -12.04
C TRP A 223 -9.82 5.81 -12.66
N ALA A 224 -10.86 5.57 -11.86
CA ALA A 224 -12.23 5.40 -12.34
C ALA A 224 -13.00 6.71 -12.65
N SER A 225 -14.07 6.61 -13.48
CA SER A 225 -15.01 7.69 -13.86
C SER A 225 -16.40 7.11 -14.22
N ASN A 226 -17.34 7.96 -14.70
CA ASN A 226 -18.69 7.53 -15.05
C ASN A 226 -19.28 8.33 -16.22
N ILE A 227 -20.47 7.91 -16.71
CA ILE A 227 -21.22 8.51 -17.82
C ILE A 227 -21.60 9.97 -17.55
N PHE A 228 -22.01 10.31 -16.31
CA PHE A 228 -22.41 11.67 -15.95
C PHE A 228 -21.23 12.63 -15.96
N GLU A 229 -20.03 12.11 -15.60
CA GLU A 229 -18.77 12.84 -15.63
C GLU A 229 -18.41 13.09 -17.10
N MET A 230 -18.45 12.00 -17.93
CA MET A 230 -18.16 11.95 -19.37
C MET A 230 -19.02 12.93 -20.16
N LEU A 231 -20.35 12.85 -19.97
CA LEU A 231 -21.31 13.73 -20.64
C LEU A 231 -21.18 15.18 -20.17
N ARG A 232 -20.77 15.41 -18.90
CA ARG A 232 -20.56 16.77 -18.40
C ARG A 232 -19.38 17.44 -19.16
N ILE A 233 -18.31 16.65 -19.47
CA ILE A 233 -17.12 17.08 -20.22
C ILE A 233 -17.43 17.31 -21.71
N ASP A 234 -18.00 16.29 -22.39
CA ASP A 234 -18.31 16.33 -23.82
C ASP A 234 -19.48 17.26 -24.20
N GLU A 235 -20.40 17.57 -23.24
CA GLU A 235 -21.55 18.46 -23.40
C GLU A 235 -21.61 19.45 -22.25
N ASP A 242 -25.95 33.36 -16.94
CA ASP A 242 -25.06 32.93 -18.00
C ASP A 242 -25.70 31.90 -18.97
N GLU A 243 -26.15 30.74 -18.43
CA GLU A 243 -26.82 29.60 -19.09
C GLU A 243 -27.26 28.59 -17.99
N ALA A 244 -28.38 27.88 -18.19
CA ALA A 244 -28.92 26.91 -17.23
C ALA A 244 -28.09 25.61 -17.08
N GLU A 245 -28.46 24.74 -16.12
CA GLU A 245 -27.77 23.48 -15.85
C GLU A 245 -28.30 22.33 -16.73
N LYS A 246 -27.45 21.29 -16.93
CA LYS A 246 -27.76 20.08 -17.72
C LYS A 246 -28.67 19.12 -16.91
N LEU A 247 -29.44 18.28 -17.62
CA LEU A 247 -30.38 17.34 -17.00
C LEU A 247 -30.14 15.90 -17.47
N PHE A 248 -28.91 15.39 -17.27
CA PHE A 248 -28.49 14.05 -17.69
C PHE A 248 -29.15 12.92 -16.92
N ASN A 249 -29.22 13.05 -15.58
CA ASN A 249 -29.80 12.08 -14.63
C ASN A 249 -31.01 11.30 -15.19
N GLN A 250 -32.00 12.03 -15.78
CA GLN A 250 -33.23 11.48 -16.37
C GLN A 250 -33.01 10.97 -17.80
N ASP A 251 -32.26 11.74 -18.61
CA ASP A 251 -31.97 11.44 -20.02
C ASP A 251 -31.11 10.19 -20.21
N VAL A 252 -30.19 9.91 -19.27
CA VAL A 252 -29.28 8.75 -19.30
C VAL A 252 -30.07 7.46 -19.15
N ASP A 253 -31.06 7.45 -18.23
CA ASP A 253 -31.92 6.29 -18.00
C ASP A 253 -32.91 6.12 -19.15
N ALA A 254 -33.29 7.23 -19.79
CA ALA A 254 -34.18 7.27 -20.95
C ALA A 254 -33.45 6.83 -22.23
N ALA A 255 -32.12 7.08 -22.28
CA ALA A 255 -31.25 6.70 -23.41
C ALA A 255 -31.06 5.19 -23.40
N VAL A 256 -30.86 4.61 -22.19
CA VAL A 256 -30.68 3.18 -21.95
C VAL A 256 -31.97 2.44 -22.34
N ARG A 257 -33.14 2.95 -21.90
CA ARG A 257 -34.46 2.40 -22.26
C ARG A 257 -34.69 2.35 -23.78
N GLY A 258 -34.25 3.40 -24.48
CA GLY A 258 -34.36 3.53 -25.92
C GLY A 258 -33.46 2.60 -26.71
N ILE A 259 -32.22 2.39 -26.21
CA ILE A 259 -31.21 1.52 -26.83
C ILE A 259 -31.69 0.06 -26.81
N LEU A 260 -32.25 -0.38 -25.66
CA LEU A 260 -32.76 -1.74 -25.48
C LEU A 260 -34.07 -2.01 -26.25
N ARG A 261 -34.73 -0.95 -26.79
CA ARG A 261 -35.93 -1.03 -27.62
C ARG A 261 -35.51 -1.26 -29.09
N ASN A 262 -34.40 -0.61 -29.52
CA ASN A 262 -33.85 -0.66 -30.88
C ASN A 262 -33.19 -2.01 -31.17
N ALA A 263 -33.58 -2.64 -32.28
CA ALA A 263 -33.06 -3.96 -32.69
C ALA A 263 -31.62 -3.92 -33.24
N LYS A 264 -31.23 -2.80 -33.86
CA LYS A 264 -29.90 -2.61 -34.45
C LYS A 264 -28.86 -2.26 -33.36
N LEU A 265 -29.31 -1.62 -32.26
CA LEU A 265 -28.41 -1.18 -31.20
C LEU A 265 -28.32 -2.12 -29.97
N LYS A 266 -29.46 -2.77 -29.58
CA LYS A 266 -29.56 -3.68 -28.44
C LYS A 266 -28.49 -4.80 -28.41
N PRO A 267 -28.26 -5.62 -29.48
CA PRO A 267 -27.25 -6.70 -29.38
C PRO A 267 -25.83 -6.21 -29.11
N VAL A 268 -25.44 -5.08 -29.72
CA VAL A 268 -24.11 -4.47 -29.55
C VAL A 268 -23.92 -4.10 -28.10
N TYR A 269 -24.87 -3.31 -27.55
CA TYR A 269 -24.91 -2.80 -26.19
C TYR A 269 -24.76 -3.86 -25.10
N ASP A 270 -25.39 -5.03 -25.30
CA ASP A 270 -25.33 -6.16 -24.37
C ASP A 270 -23.92 -6.76 -24.30
N SER A 271 -23.22 -6.84 -25.46
CA SER A 271 -21.86 -7.37 -25.58
C SER A 271 -20.80 -6.45 -24.92
N LEU A 272 -21.12 -5.16 -24.80
CA LEU A 272 -20.18 -4.17 -24.28
C LEU A 272 -20.10 -4.12 -22.78
N ASP A 273 -18.89 -3.84 -22.27
CA ASP A 273 -18.58 -3.64 -20.85
C ASP A 273 -19.01 -2.22 -20.46
N ALA A 274 -19.09 -1.94 -19.16
CA ALA A 274 -19.50 -0.66 -18.60
C ALA A 274 -18.87 0.58 -19.24
N VAL A 275 -17.54 0.56 -19.47
CA VAL A 275 -16.79 1.69 -20.06
C VAL A 275 -17.20 1.91 -21.53
N ARG A 276 -17.30 0.82 -22.32
CA ARG A 276 -17.68 0.87 -23.73
C ARG A 276 -19.15 1.20 -23.92
N ARG A 277 -20.00 0.79 -22.96
CA ARG A 277 -21.43 1.08 -22.98
C ARG A 277 -21.62 2.60 -22.91
N ALA A 278 -20.80 3.30 -22.09
CA ALA A 278 -20.81 4.74 -21.91
C ALA A 278 -20.41 5.51 -23.18
N ALA A 279 -19.45 4.94 -23.95
CA ALA A 279 -19.00 5.49 -25.22
C ALA A 279 -20.17 5.48 -26.24
N LEU A 280 -20.94 4.36 -26.28
CA LEU A 280 -22.11 4.24 -27.16
C LEU A 280 -23.20 5.23 -26.78
N ILE A 281 -23.47 5.44 -25.46
CA ILE A 281 -24.51 6.38 -25.00
C ILE A 281 -24.08 7.82 -25.30
N ASN A 282 -22.77 8.12 -25.18
CA ASN A 282 -22.19 9.44 -25.47
C ASN A 282 -22.51 9.90 -26.92
N MET A 283 -22.48 8.96 -27.87
CA MET A 283 -22.78 9.16 -29.30
C MET A 283 -24.27 9.39 -29.50
N VAL A 284 -25.13 8.57 -28.85
CA VAL A 284 -26.60 8.69 -28.91
C VAL A 284 -27.00 10.10 -28.40
N PHE A 285 -26.21 10.66 -27.46
CA PHE A 285 -26.44 11.99 -26.91
C PHE A 285 -26.12 13.10 -27.94
N GLN A 286 -25.16 12.84 -28.85
CA GLN A 286 -24.72 13.78 -29.87
C GLN A 286 -25.48 13.64 -31.21
N MET A 287 -25.72 12.41 -31.68
CA MET A 287 -26.39 12.12 -32.96
C MET A 287 -27.82 11.60 -32.84
N GLY A 288 -28.12 10.90 -31.76
CA GLY A 288 -29.42 10.28 -31.56
C GLY A 288 -29.43 8.84 -32.00
N GLU A 289 -30.36 8.06 -31.42
CA GLU A 289 -30.60 6.63 -31.67
C GLU A 289 -30.55 6.25 -33.16
N THR A 290 -31.31 6.96 -34.01
CA THR A 290 -31.43 6.71 -35.45
C THR A 290 -30.09 6.97 -36.18
N GLY A 291 -29.40 8.05 -35.79
CA GLY A 291 -28.10 8.41 -36.36
C GLY A 291 -27.01 7.40 -36.05
N VAL A 292 -26.92 6.97 -34.78
CA VAL A 292 -25.97 5.99 -34.26
C VAL A 292 -26.22 4.60 -34.90
N ALA A 293 -27.50 4.24 -35.14
CA ALA A 293 -27.91 2.97 -35.77
C ALA A 293 -27.38 2.85 -37.20
N GLY A 294 -26.93 3.96 -37.77
CA GLY A 294 -26.35 4.03 -39.11
C GLY A 294 -24.98 3.39 -39.23
N PHE A 295 -24.13 3.47 -38.18
CA PHE A 295 -22.76 2.92 -38.15
C PHE A 295 -22.73 1.37 -38.07
N THR A 296 -23.54 0.69 -38.91
CA THR A 296 -23.77 -0.75 -39.00
C THR A 296 -22.47 -1.59 -38.95
N ASN A 297 -21.48 -1.23 -39.76
CA ASN A 297 -20.19 -1.93 -39.82
C ASN A 297 -19.41 -1.76 -38.54
N SER A 298 -19.19 -0.50 -38.12
CA SER A 298 -18.48 -0.16 -36.88
C SER A 298 -19.13 -0.87 -35.66
N LEU A 299 -20.48 -0.96 -35.64
CA LEU A 299 -21.27 -1.64 -34.60
C LEU A 299 -21.08 -3.17 -34.65
N ARG A 300 -20.99 -3.76 -35.85
CA ARG A 300 -20.75 -5.20 -35.95
C ARG A 300 -19.30 -5.53 -35.54
N MET A 301 -18.37 -4.56 -35.64
CA MET A 301 -16.96 -4.72 -35.27
C MET A 301 -16.78 -4.73 -33.77
N LEU A 302 -17.47 -3.81 -33.05
CA LEU A 302 -17.43 -3.69 -31.59
C LEU A 302 -18.01 -4.95 -30.95
N GLN A 303 -19.14 -5.45 -31.49
CA GLN A 303 -19.83 -6.66 -31.04
C GLN A 303 -18.85 -7.84 -31.10
N GLN A 304 -18.16 -8.00 -32.25
CA GLN A 304 -17.14 -9.02 -32.53
C GLN A 304 -15.86 -8.81 -31.68
N LYS A 305 -15.77 -7.66 -30.95
CA LYS A 305 -14.67 -7.25 -30.06
C LYS A 305 -13.37 -6.84 -30.82
N ARG A 306 -13.52 -6.34 -32.06
CA ARG A 306 -12.38 -5.89 -32.88
C ARG A 306 -12.23 -4.39 -32.66
N TRP A 307 -11.76 -4.00 -31.45
CA TRP A 307 -11.62 -2.61 -30.98
C TRP A 307 -10.79 -1.71 -31.90
N ASP A 308 -9.54 -2.06 -32.19
CA ASP A 308 -8.61 -1.32 -33.06
C ASP A 308 -9.18 -1.08 -34.46
N GLU A 309 -9.81 -2.14 -35.04
CA GLU A 309 -10.48 -2.18 -36.36
C GLU A 309 -11.64 -1.15 -36.37
N ALA A 310 -12.52 -1.22 -35.35
CA ALA A 310 -13.66 -0.32 -35.17
C ALA A 310 -13.22 1.14 -35.02
N ALA A 311 -12.14 1.38 -34.25
CA ALA A 311 -11.54 2.70 -33.99
C ALA A 311 -11.04 3.40 -35.29
N VAL A 312 -10.50 2.61 -36.23
CA VAL A 312 -9.96 3.03 -37.51
C VAL A 312 -11.09 3.53 -38.45
N ASN A 313 -12.19 2.76 -38.47
CA ASN A 313 -13.37 2.97 -39.30
C ASN A 313 -14.18 4.19 -38.88
N LEU A 314 -14.41 4.38 -37.57
CA LEU A 314 -15.18 5.49 -37.02
C LEU A 314 -14.48 6.81 -37.23
N ALA A 315 -13.14 6.78 -37.40
CA ALA A 315 -12.30 7.96 -37.63
C ALA A 315 -12.42 8.49 -39.08
N LYS A 316 -13.01 7.68 -39.97
CA LYS A 316 -13.23 8.02 -41.39
C LYS A 316 -14.62 8.67 -41.61
N SER A 317 -15.46 8.74 -40.55
CA SER A 317 -16.82 9.28 -40.58
C SER A 317 -16.93 10.80 -40.77
N ARG A 318 -18.16 11.30 -41.05
CA ARG A 318 -18.47 12.73 -41.15
C ARG A 318 -18.57 13.28 -39.71
N TRP A 319 -18.91 12.38 -38.76
CA TRP A 319 -19.00 12.66 -37.32
C TRP A 319 -17.63 13.10 -36.83
N TYR A 320 -16.56 12.42 -37.27
CA TYR A 320 -15.20 12.76 -36.87
C TYR A 320 -14.74 14.05 -37.54
N ASN A 321 -15.04 14.23 -38.83
CA ASN A 321 -14.64 15.41 -39.62
C ASN A 321 -15.18 16.73 -39.06
N GLN A 322 -16.40 16.71 -38.47
CA GLN A 322 -17.08 17.88 -37.88
C GLN A 322 -16.69 18.15 -36.42
N THR A 323 -16.56 17.09 -35.60
CA THR A 323 -16.19 17.18 -34.17
C THR A 323 -15.01 16.22 -33.86
N PRO A 324 -13.78 16.54 -34.33
CA PRO A 324 -12.64 15.62 -34.10
C PRO A 324 -12.24 15.37 -32.64
N ASN A 325 -12.26 16.42 -31.79
CA ASN A 325 -11.85 16.35 -30.39
C ASN A 325 -12.71 15.39 -29.55
N ARG A 326 -14.06 15.52 -29.66
CA ARG A 326 -15.03 14.65 -28.97
C ARG A 326 -14.93 13.24 -29.56
N ALA A 327 -15.02 13.11 -30.91
CA ALA A 327 -14.95 11.84 -31.60
C ALA A 327 -13.68 11.07 -31.26
N LYS A 328 -12.52 11.78 -31.13
CA LYS A 328 -11.25 11.16 -30.73
C LYS A 328 -11.37 10.52 -29.32
N ARG A 329 -12.05 11.22 -28.37
CA ARG A 329 -12.29 10.76 -26.97
C ARG A 329 -13.22 9.51 -26.87
N VAL A 330 -14.31 9.49 -27.68
CA VAL A 330 -15.28 8.39 -27.74
C VAL A 330 -14.58 7.15 -28.34
N ILE A 331 -13.85 7.34 -29.46
CA ILE A 331 -13.10 6.33 -30.19
C ILE A 331 -12.04 5.68 -29.29
N THR A 332 -11.22 6.50 -28.58
CA THR A 332 -10.17 5.98 -27.70
C THR A 332 -10.77 5.24 -26.49
N THR A 333 -12.04 5.52 -26.14
CA THR A 333 -12.71 4.80 -25.07
C THR A 333 -13.09 3.39 -25.58
N PHE A 334 -13.67 3.30 -26.81
CA PHE A 334 -14.03 2.02 -27.45
C PHE A 334 -12.79 1.13 -27.67
N ARG A 335 -11.62 1.74 -27.96
CA ARG A 335 -10.39 0.99 -28.20
C ARG A 335 -9.75 0.47 -26.92
N THR A 336 -9.61 1.35 -25.90
CA THR A 336 -8.93 1.00 -24.64
C THR A 336 -9.82 0.34 -23.57
N GLY A 337 -11.11 0.66 -23.55
CA GLY A 337 -12.05 0.18 -22.55
C GLY A 337 -11.78 0.77 -21.19
N THR A 338 -11.19 1.99 -21.17
CA THR A 338 -10.78 2.75 -19.98
C THR A 338 -11.22 4.23 -20.04
N TRP A 339 -11.20 4.91 -18.88
CA TRP A 339 -11.52 6.32 -18.72
C TRP A 339 -10.30 7.24 -18.94
N ASP A 340 -9.20 6.69 -19.49
CA ASP A 340 -7.93 7.36 -19.78
C ASP A 340 -8.06 8.69 -20.53
N ALA A 341 -9.07 8.81 -21.42
CA ALA A 341 -9.36 9.99 -22.24
C ALA A 341 -9.98 11.15 -21.43
N TYR A 342 -10.51 10.84 -20.24
CA TYR A 342 -11.19 11.81 -19.40
C TYR A 342 -10.44 12.01 -18.05
N HIS A 343 -9.10 11.92 -18.11
CA HIS A 343 -8.15 12.08 -17.00
C HIS A 343 -6.83 12.57 -17.58
N GLU A 344 -6.08 13.42 -16.84
CA GLU A 344 -4.79 13.97 -17.30
C GLU A 344 -3.78 12.87 -17.68
N GLN A 345 -3.04 13.09 -18.80
CA GLN A 345 -2.04 12.15 -19.34
C GLN A 345 -0.89 11.85 -18.36
N VAL A 346 0.01 12.84 -18.12
CA VAL A 346 1.17 12.72 -17.23
C VAL A 346 0.73 13.08 -15.79
N SER A 347 0.35 12.06 -14.98
CA SER A 347 -0.11 12.26 -13.60
C SER A 347 0.90 11.80 -12.55
N ALA A 348 1.42 12.79 -11.79
CA ALA A 348 2.39 12.62 -10.70
C ALA A 348 1.71 12.06 -9.45
N LYS A 349 0.42 12.38 -9.26
CA LYS A 349 -0.39 11.92 -8.14
C LYS A 349 -0.65 10.41 -8.25
N ARG A 350 -0.78 9.89 -9.49
CA ARG A 350 -1.00 8.47 -9.77
C ARG A 350 0.24 7.61 -9.50
N LYS A 351 1.45 8.16 -9.73
CA LYS A 351 2.73 7.50 -9.53
C LYS A 351 3.01 7.23 -8.05
N VAL A 352 2.75 8.22 -7.17
CA VAL A 352 2.97 8.14 -5.73
C VAL A 352 2.02 7.13 -5.05
N VAL A 353 0.73 7.14 -5.44
CA VAL A 353 -0.29 6.24 -4.90
C VAL A 353 0.08 4.77 -5.23
N LYS A 354 0.54 4.49 -6.47
CA LYS A 354 0.99 3.15 -6.89
C LYS A 354 2.19 2.68 -6.02
N MET A 355 3.11 3.62 -5.71
CA MET A 355 4.29 3.36 -4.88
C MET A 355 3.84 2.91 -3.49
N MET A 356 3.06 3.79 -2.81
CA MET A 356 2.54 3.62 -1.45
C MET A 356 1.68 2.38 -1.25
N ILE A 357 0.86 2.00 -2.26
CA ILE A 357 0.02 0.80 -2.19
C ILE A 357 0.91 -0.45 -2.09
N VAL A 358 1.96 -0.51 -2.94
CA VAL A 358 2.92 -1.62 -2.98
C VAL A 358 3.61 -1.81 -1.61
N VAL A 359 4.13 -0.70 -1.03
CA VAL A 359 4.80 -0.59 0.28
C VAL A 359 3.92 -1.18 1.42
N VAL A 360 2.62 -0.85 1.42
CA VAL A 360 1.62 -1.30 2.41
C VAL A 360 1.37 -2.80 2.29
N CYS A 361 1.20 -3.28 1.05
CA CYS A 361 0.95 -4.69 0.75
C CYS A 361 2.14 -5.58 1.13
N THR A 362 3.36 -5.01 1.10
CA THR A 362 4.59 -5.67 1.47
C THR A 362 4.60 -5.85 2.98
N PHE A 363 4.24 -4.77 3.73
CA PHE A 363 4.16 -4.78 5.18
C PHE A 363 3.20 -5.87 5.66
N ALA A 364 1.96 -5.87 5.11
CA ALA A 364 0.89 -6.81 5.41
C ALA A 364 1.31 -8.27 5.22
N ILE A 365 2.03 -8.56 4.11
CA ILE A 365 2.55 -9.89 3.76
C ILE A 365 3.64 -10.32 4.75
N CYS A 366 4.59 -9.43 5.04
CA CYS A 366 5.71 -9.67 5.93
C CYS A 366 5.34 -9.95 7.39
N TRP A 367 4.32 -9.24 7.92
CA TRP A 367 3.98 -9.36 9.34
C TRP A 367 2.90 -10.40 9.65
N LEU A 368 2.10 -10.84 8.67
CA LEU A 368 1.04 -11.82 8.92
C LEU A 368 1.54 -13.16 9.55
N PRO A 369 2.57 -13.87 9.01
CA PRO A 369 3.00 -15.13 9.65
C PRO A 369 3.50 -14.94 11.06
N PHE A 370 4.16 -13.79 11.32
CA PHE A 370 4.69 -13.44 12.63
C PHE A 370 3.56 -13.31 13.64
N HIS A 371 2.52 -12.52 13.30
CA HIS A 371 1.37 -12.32 14.20
C HIS A 371 0.59 -13.61 14.44
N ILE A 372 0.44 -14.45 13.40
CA ILE A 372 -0.24 -15.76 13.47
C ILE A 372 0.54 -16.71 14.42
N PHE A 373 1.89 -16.71 14.28
CA PHE A 373 2.80 -17.51 15.09
C PHE A 373 2.58 -17.29 16.58
N PHE A 374 2.57 -16.02 17.02
CA PHE A 374 2.38 -15.65 18.42
C PHE A 374 0.93 -15.70 18.87
N LEU A 375 -0.01 -15.79 17.93
CA LEU A 375 -1.45 -15.85 18.19
C LEU A 375 -1.95 -17.27 18.43
N LEU A 376 -1.23 -18.28 17.91
CA LEU A 376 -1.57 -19.71 18.03
C LEU A 376 -1.53 -20.29 19.45
N PRO A 377 -0.59 -19.95 20.40
CA PRO A 377 -0.64 -20.57 21.74
C PRO A 377 -1.97 -20.40 22.50
N TYR A 378 -2.85 -19.53 21.99
CA TYR A 378 -4.18 -19.26 22.54
C TYR A 378 -5.21 -20.28 22.01
N ILE A 379 -4.94 -20.87 20.82
CA ILE A 379 -5.79 -21.88 20.17
C ILE A 379 -5.35 -23.31 20.57
N ASN A 380 -4.08 -23.69 20.31
CA ASN A 380 -3.52 -25.01 20.65
C ASN A 380 -2.12 -24.86 21.30
N PRO A 381 -2.02 -24.79 22.65
CA PRO A 381 -0.70 -24.58 23.30
C PRO A 381 0.37 -25.64 23.05
N ASP A 382 -0.03 -26.92 22.92
CA ASP A 382 0.86 -28.06 22.69
C ASP A 382 1.45 -28.09 21.27
N LEU A 383 0.71 -27.61 20.26
CA LEU A 383 1.11 -27.55 18.84
C LEU A 383 2.46 -26.82 18.62
N TYR A 384 2.70 -25.73 19.39
CA TYR A 384 3.92 -24.93 19.33
C TYR A 384 5.15 -25.68 19.92
N LEU A 385 5.07 -26.17 21.18
CA LEU A 385 6.16 -26.91 21.82
C LEU A 385 6.22 -28.39 21.37
N LYS A 386 6.31 -28.60 20.04
CA LYS A 386 6.37 -29.90 19.37
C LYS A 386 7.05 -29.77 18.01
N LYS A 387 7.70 -30.87 17.55
CA LYS A 387 8.44 -30.99 16.28
C LYS A 387 9.75 -30.16 16.29
N PHE A 388 10.08 -29.51 15.17
CA PHE A 388 11.28 -28.67 15.03
C PHE A 388 10.87 -27.22 14.62
N ILE A 389 10.17 -26.54 15.55
CA ILE A 389 9.67 -25.17 15.41
C ILE A 389 10.77 -24.11 15.26
N GLN A 390 12.02 -24.41 15.68
CA GLN A 390 13.15 -23.49 15.60
C GLN A 390 13.47 -23.10 14.15
N GLN A 391 13.36 -24.08 13.22
CA GLN A 391 13.60 -23.89 11.78
C GLN A 391 12.46 -23.06 11.17
N VAL A 392 11.25 -23.18 11.74
CA VAL A 392 10.04 -22.44 11.36
C VAL A 392 10.14 -21.00 11.88
N TYR A 393 10.37 -20.82 13.20
CA TYR A 393 10.52 -19.50 13.80
C TYR A 393 11.58 -18.69 13.06
N LEU A 394 12.68 -19.34 12.64
CA LEU A 394 13.73 -18.68 11.86
C LEU A 394 13.22 -18.20 10.50
N ALA A 395 12.36 -19.00 9.85
CA ALA A 395 11.77 -18.62 8.56
C ALA A 395 10.76 -17.47 8.72
N ILE A 396 9.91 -17.53 9.79
CA ILE A 396 8.86 -16.57 10.16
C ILE A 396 9.47 -15.22 10.58
N MET A 397 10.53 -15.26 11.43
CA MET A 397 11.24 -14.07 11.91
C MET A 397 12.07 -13.41 10.78
N TRP A 398 12.51 -14.19 9.75
CA TRP A 398 13.27 -13.63 8.63
C TRP A 398 12.38 -12.72 7.78
N LEU A 399 11.16 -13.18 7.43
CA LEU A 399 10.17 -12.44 6.63
C LEU A 399 9.81 -11.10 7.31
N ALA A 400 9.43 -11.15 8.61
CA ALA A 400 9.05 -10.00 9.43
C ALA A 400 10.14 -8.92 9.38
N MET A 401 11.40 -9.32 9.61
CA MET A 401 12.55 -8.42 9.61
C MET A 401 12.95 -7.94 8.20
N SER A 402 12.58 -8.67 7.12
CA SER A 402 12.95 -8.24 5.77
C SER A 402 12.13 -7.04 5.28
N SER A 403 10.95 -6.76 5.91
CA SER A 403 10.05 -5.63 5.63
C SER A 403 10.82 -4.29 5.72
N THR A 404 11.88 -4.32 6.54
CA THR A 404 12.85 -3.28 6.88
C THR A 404 13.77 -2.91 5.68
N MET A 405 13.94 -3.81 4.69
CA MET A 405 14.85 -3.54 3.58
C MET A 405 14.17 -3.27 2.21
N TYR A 406 12.92 -3.75 1.99
CA TYR A 406 12.22 -3.62 0.71
C TYR A 406 11.90 -2.19 0.24
N ASN A 407 11.59 -1.24 1.16
CA ASN A 407 11.21 0.14 0.85
C ASN A 407 12.15 0.90 -0.13
N PRO A 408 13.50 1.03 0.06
CA PRO A 408 14.32 1.74 -0.93
C PRO A 408 14.27 1.13 -2.34
N ILE A 409 14.13 -0.21 -2.43
CA ILE A 409 14.01 -0.98 -3.68
C ILE A 409 12.71 -0.60 -4.39
N ILE A 410 11.59 -0.50 -3.64
CA ILE A 410 10.28 -0.10 -4.17
C ILE A 410 10.38 1.34 -4.74
N TYR A 411 11.06 2.26 -4.01
CA TYR A 411 11.21 3.66 -4.43
C TYR A 411 12.00 3.81 -5.74
N CYS A 412 13.01 2.96 -5.96
CA CYS A 412 13.82 2.97 -7.19
C CYS A 412 13.10 2.29 -8.33
N CYS A 413 12.51 1.11 -8.08
CA CYS A 413 11.77 0.35 -9.09
C CYS A 413 10.59 1.12 -9.70
N LEU A 414 9.93 2.02 -8.92
CA LEU A 414 8.77 2.74 -9.43
C LEU A 414 8.98 4.24 -9.68
N ASN A 415 9.54 5.00 -8.70
CA ASN A 415 9.72 6.45 -8.83
C ASN A 415 10.98 6.88 -9.57
N ASP A 416 10.81 7.86 -10.49
CA ASP A 416 11.82 8.44 -11.38
C ASP A 416 12.95 9.20 -10.67
N ARG A 417 12.61 10.07 -9.68
CA ARG A 417 13.57 10.90 -8.95
C ARG A 417 14.40 10.11 -7.93
N PHE A 418 13.76 9.17 -7.21
CA PHE A 418 14.42 8.32 -6.21
C PHE A 418 15.50 7.46 -6.86
N ARG A 419 15.22 6.89 -8.06
CA ARG A 419 16.17 6.06 -8.80
C ARG A 419 17.33 6.89 -9.37
N LEU A 420 17.08 8.20 -9.61
CA LEU A 420 18.10 9.14 -10.08
C LEU A 420 18.96 9.59 -8.89
N GLY A 421 18.35 9.60 -7.70
CA GLY A 421 18.98 9.95 -6.43
C GLY A 421 19.98 8.92 -5.94
N PHE A 422 19.62 7.63 -6.07
CA PHE A 422 20.47 6.50 -5.73
C PHE A 422 21.61 6.41 -6.75
N LYS A 423 21.31 6.75 -8.03
CA LYS A 423 22.26 6.81 -9.15
C LYS A 423 23.32 7.86 -8.87
N HIS A 424 22.92 9.01 -8.28
CA HIS A 424 23.81 10.11 -7.89
C HIS A 424 24.71 9.73 -6.69
N ALA A 425 24.31 8.69 -5.92
CA ALA A 425 25.06 8.17 -4.78
C ALA A 425 25.87 6.93 -5.21
N PHE A 426 26.74 7.11 -6.22
CA PHE A 426 27.62 6.09 -6.79
C PHE A 426 29.00 6.65 -7.18
N ARG A 427 30.06 6.19 -6.46
CA ARG A 427 31.46 6.60 -6.66
C ARG A 427 32.39 5.40 -6.61
#